data_6O1B
#
_entry.id   6O1B
#
_cell.length_a   32.737
_cell.length_b   54.138
_cell.length_c   74.912
_cell.angle_alpha   90.00
_cell.angle_beta   90.00
_cell.angle_gamma   90.00
#
_symmetry.space_group_name_H-M   'P 21 21 21'
#
loop_
_entity.id
_entity.type
_entity.pdbx_description
1 polymer 'Sterile alpha and TIR motif-containing protein 1'
2 non-polymer '2-(N-MORPHOLINO)-ETHANESULFONIC ACID'
3 water water
#
_entity_poly.entity_id   1
_entity_poly.type   'polypeptide(L)'
_entity_poly.pdbx_seq_one_letter_code
;SNADTPDVFISYRRNSGSQLASLLKVHLQLHGFSVFIDVEKLEAPKFEDKLIQSVMGARNFVLVLSPGALDKCMQDHDCK
DWVHKEIVTALSCGKNIVPIIDGFEWPEPQVLPEDMQAVLTFNGIKWSHEYQEATIEKIIRFLQ
;
_entity_poly.pdbx_strand_id   A
#
loop_
_chem_comp.id
_chem_comp.type
_chem_comp.name
_chem_comp.formula
MES non-polymer '2-(N-MORPHOLINO)-ETHANESULFONIC ACID' 'C6 H13 N O4 S'
#
# COMPACT_ATOMS: atom_id res chain seq x y z
N PRO A 6 -0.91 -5.69 14.15
CA PRO A 6 -1.98 -4.86 13.58
C PRO A 6 -2.64 -5.53 12.39
N ASP A 7 -3.91 -5.21 12.17
CA ASP A 7 -4.70 -5.82 11.12
C ASP A 7 -4.29 -5.33 9.73
N VAL A 8 -3.70 -4.13 9.66
CA VAL A 8 -3.53 -3.40 8.39
C VAL A 8 -2.13 -2.80 8.29
N PHE A 9 -1.46 -3.02 7.14
CA PHE A 9 -0.24 -2.34 6.76
C PHE A 9 -0.59 -1.46 5.56
N ILE A 10 -0.26 -0.16 5.61
CA ILE A 10 -0.53 0.76 4.49
C ILE A 10 0.79 1.12 3.85
N SER A 11 0.95 0.73 2.60
CA SER A 11 2.08 1.12 1.79
C SER A 11 1.69 2.29 0.88
N TYR A 12 2.61 3.24 0.73
CA TYR A 12 2.34 4.45 -0.03
C TYR A 12 3.69 5.05 -0.40
N ARG A 13 3.62 6.01 -1.32
CA ARG A 13 4.80 6.77 -1.76
C ARG A 13 4.85 8.04 -0.93
N ARG A 14 5.93 8.21 -0.21
CA ARG A 14 5.93 9.26 0.79
C ARG A 14 5.69 10.64 0.17
N ASN A 15 6.18 10.90 -1.05
CA ASN A 15 6.10 12.28 -1.55
C ASN A 15 4.79 12.61 -2.27
N SER A 16 3.84 11.69 -2.31
CA SER A 16 2.58 11.94 -2.97
C SER A 16 1.40 11.28 -2.31
N GLY A 17 1.60 10.25 -1.50
CA GLY A 17 0.48 9.58 -0.89
C GLY A 17 0.39 9.70 0.61
N SER A 18 1.22 10.55 1.26
CA SER A 18 1.29 10.55 2.71
C SER A 18 0.03 11.14 3.33
N GLN A 19 -0.56 12.13 2.70
CA GLN A 19 -1.73 12.68 3.36
C GLN A 19 -2.90 11.72 3.33
N LEU A 20 -3.13 11.04 2.22
CA LEU A 20 -4.18 10.02 2.19
C LEU A 20 -3.83 8.86 3.11
N ALA A 21 -2.56 8.49 3.18
CA ALA A 21 -2.22 7.41 4.09
C ALA A 21 -2.56 7.76 5.55
N SER A 22 -2.28 9.01 5.96
CA SER A 22 -2.59 9.43 7.32
C SER A 22 -4.10 9.41 7.55
N LEU A 23 -4.86 9.84 6.56
CA LEU A 23 -6.32 9.86 6.68
C LEU A 23 -6.85 8.46 6.83
N LEU A 24 -6.28 7.51 6.07
CA LEU A 24 -6.69 6.11 6.20
C LEU A 24 -6.31 5.54 7.56
N LYS A 25 -5.10 5.82 8.03
CA LYS A 25 -4.71 5.31 9.34
C LYS A 25 -5.68 5.83 10.40
N VAL A 26 -6.02 7.12 10.31
CA VAL A 26 -6.93 7.73 11.30
C VAL A 26 -8.30 7.07 11.26
N HIS A 27 -8.91 7.02 10.08
CA HIS A 27 -10.29 6.58 10.02
C HIS A 27 -10.42 5.09 10.18
N LEU A 28 -9.44 4.29 9.72
CA LEU A 28 -9.54 2.86 9.96
C LEU A 28 -9.45 2.56 11.46
N GLN A 29 -8.58 3.30 12.19
CA GLN A 29 -8.45 3.02 13.61
C GLN A 29 -9.68 3.49 14.35
N LEU A 30 -10.27 4.62 13.91
CA LEU A 30 -11.50 5.09 14.55
C LEU A 30 -12.61 4.09 14.34
N HIS A 31 -12.56 3.33 13.25
CA HIS A 31 -13.53 2.28 12.99
C HIS A 31 -13.16 0.92 13.57
N GLY A 32 -12.09 0.86 14.36
CA GLY A 32 -11.74 -0.31 15.14
C GLY A 32 -10.77 -1.31 14.50
N PHE A 33 -10.08 -0.92 13.43
CA PHE A 33 -9.07 -1.73 12.79
C PHE A 33 -7.72 -1.23 13.24
N SER A 34 -6.85 -2.14 13.68
CA SER A 34 -5.51 -1.77 14.08
C SER A 34 -4.65 -1.59 12.83
N VAL A 35 -3.80 -0.59 12.86
CA VAL A 35 -2.96 -0.24 11.72
C VAL A 35 -1.53 0.02 12.20
N PHE A 36 -0.56 -0.44 11.42
CA PHE A 36 0.81 -0.04 11.67
C PHE A 36 0.95 1.45 11.49
N ILE A 37 1.48 2.12 12.51
CA ILE A 37 1.51 3.58 12.49
C ILE A 37 2.89 4.08 12.08
N ASP A 38 3.90 3.73 12.87
CA ASP A 38 5.24 4.28 12.69
C ASP A 38 6.06 3.28 11.88
N VAL A 39 5.77 3.25 10.59
CA VAL A 39 6.46 2.33 9.67
C VAL A 39 7.69 2.97 9.02
N GLU A 40 7.69 4.29 8.82
CA GLU A 40 8.76 4.93 8.06
C GLU A 40 10.11 4.71 8.72
N LYS A 41 10.14 4.64 10.04
CA LYS A 41 11.44 4.49 10.70
C LYS A 41 12.04 3.13 10.41
N LEU A 42 11.22 2.17 10.03
CA LEU A 42 11.72 0.84 9.71
C LEU A 42 12.25 0.70 8.28
N GLU A 43 11.96 1.67 7.41
CA GLU A 43 12.41 1.69 6.03
C GLU A 43 13.85 2.25 5.97
N ALA A 44 14.74 1.46 6.54
CA ALA A 44 16.16 1.76 6.56
C ALA A 44 16.87 0.42 6.53
N PRO A 45 18.06 0.34 5.91
CA PRO A 45 18.75 -0.97 5.87
C PRO A 45 18.92 -1.55 7.25
N LYS A 46 19.07 -0.71 8.26
CA LYS A 46 19.25 -1.21 9.62
C LYS A 46 18.03 -2.03 10.09
N PHE A 47 16.82 -1.62 9.70
CA PHE A 47 15.59 -2.23 10.20
C PHE A 47 14.82 -3.00 9.12
N GLU A 48 15.48 -3.32 8.00
CA GLU A 48 14.78 -4.01 6.91
C GLU A 48 14.03 -5.25 7.39
N ASP A 49 14.66 -6.09 8.22
CA ASP A 49 13.97 -7.30 8.64
C ASP A 49 12.65 -7.01 9.36
N LYS A 50 12.65 -6.01 10.26
CA LYS A 50 11.45 -5.59 10.98
C LYS A 50 10.39 -5.03 10.04
N LEU A 51 10.81 -4.36 8.96
CA LEU A 51 9.86 -3.84 7.99
C LEU A 51 9.18 -4.98 7.26
N ILE A 52 9.96 -5.93 6.77
CA ILE A 52 9.38 -7.10 6.11
C ILE A 52 8.45 -7.85 7.05
N GLN A 53 8.87 -8.06 8.30
CA GLN A 53 8.06 -8.77 9.25
C GLN A 53 6.74 -8.05 9.52
N SER A 54 6.76 -6.70 9.50
CA SER A 54 5.54 -5.91 9.66
C SER A 54 4.54 -6.18 8.54
N VAL A 55 5.00 -6.20 7.28
CA VAL A 55 4.06 -6.51 6.21
C VAL A 55 3.51 -7.93 6.37
N MET A 56 4.42 -8.84 6.68
CA MET A 56 4.04 -10.25 6.80
C MET A 56 3.05 -10.39 7.94
N GLY A 57 3.09 -9.61 9.06
CA GLY A 57 2.24 -9.73 10.22
C GLY A 57 0.84 -9.22 10.04
N ALA A 58 0.58 -8.34 9.07
CA ALA A 58 -0.75 -7.77 8.84
C ALA A 58 -1.54 -8.60 7.84
N ARG A 59 -2.80 -8.90 8.17
CA ARG A 59 -3.66 -9.63 7.24
C ARG A 59 -3.94 -8.84 5.98
N ASN A 60 -4.10 -7.52 6.11
CA ASN A 60 -4.50 -6.66 5.03
C ASN A 60 -3.36 -5.75 4.62
N PHE A 61 -3.18 -5.59 3.30
CA PHE A 61 -2.15 -4.72 2.74
C PHE A 61 -2.89 -3.69 1.91
N VAL A 62 -2.93 -2.45 2.37
CA VAL A 62 -3.62 -1.37 1.70
C VAL A 62 -2.57 -0.60 0.94
N LEU A 63 -2.74 -0.42 -0.38
CA LEU A 63 -1.69 0.19 -1.20
C LEU A 63 -2.25 1.49 -1.75
N VAL A 64 -1.69 2.63 -1.37
CA VAL A 64 -2.16 3.94 -1.88
C VAL A 64 -1.50 4.20 -3.23
N LEU A 65 -2.31 4.23 -4.30
CA LEU A 65 -1.79 4.49 -5.64
C LEU A 65 -2.12 5.94 -5.99
N SER A 66 -1.21 6.81 -5.54
CA SER A 66 -1.18 8.24 -5.83
C SER A 66 -0.45 8.43 -7.16
N PRO A 67 -0.45 9.65 -7.72
CA PRO A 67 0.17 9.81 -9.04
C PRO A 67 1.65 9.50 -8.98
N GLY A 68 2.08 8.62 -9.88
CA GLY A 68 3.46 8.21 -10.03
C GLY A 68 3.94 7.30 -8.95
N ALA A 69 3.02 6.71 -8.16
CA ALA A 69 3.41 5.97 -6.96
C ALA A 69 4.31 4.78 -7.26
N LEU A 70 4.22 4.18 -8.43
CA LEU A 70 5.06 3.04 -8.72
C LEU A 70 6.26 3.39 -9.61
N ASP A 71 6.50 4.68 -9.86
CA ASP A 71 7.57 5.05 -10.79
C ASP A 71 8.92 4.58 -10.27
N LYS A 72 9.19 4.74 -8.96
CA LYS A 72 10.47 4.30 -8.38
C LYS A 72 10.61 2.78 -8.32
N CYS A 73 9.55 2.02 -8.61
CA CYS A 73 9.64 0.57 -8.76
C CYS A 73 10.13 0.17 -10.15
N MET A 74 10.00 1.06 -11.13
CA MET A 74 10.37 0.72 -12.50
C MET A 74 11.87 0.52 -12.61
N GLN A 75 12.25 -0.59 -13.24
CA GLN A 75 13.65 -0.99 -13.37
C GLN A 75 14.34 -1.25 -12.02
N ASP A 76 13.57 -1.43 -10.94
CA ASP A 76 14.16 -1.71 -9.63
C ASP A 76 14.37 -3.21 -9.47
N HIS A 77 15.16 -3.77 -10.40
CA HIS A 77 15.34 -5.22 -10.46
C HIS A 77 15.87 -5.78 -9.15
N ASP A 78 16.69 -5.01 -8.43
CA ASP A 78 17.27 -5.48 -7.18
C ASP A 78 16.39 -5.24 -5.97
N CYS A 79 15.16 -4.75 -6.16
CA CYS A 79 14.19 -4.62 -5.08
CA CYS A 79 14.20 -4.65 -5.06
C CYS A 79 14.74 -3.78 -3.92
N LYS A 80 15.32 -2.64 -4.27
CA LYS A 80 15.80 -1.71 -3.29
C LYS A 80 14.74 -0.71 -2.85
N ASP A 81 13.72 -0.48 -3.67
CA ASP A 81 12.66 0.45 -3.32
C ASP A 81 11.74 -0.14 -2.28
N TRP A 82 11.42 0.67 -1.28
CA TRP A 82 10.63 0.18 -0.16
C TRP A 82 9.21 -0.18 -0.58
N VAL A 83 8.56 0.60 -1.43
CA VAL A 83 7.23 0.18 -1.86
C VAL A 83 7.30 -1.13 -2.63
N HIS A 84 8.28 -1.24 -3.52
CA HIS A 84 8.48 -2.49 -4.26
C HIS A 84 8.62 -3.67 -3.31
N LYS A 85 9.47 -3.53 -2.27
CA LYS A 85 9.72 -4.57 -1.29
C LYS A 85 8.43 -4.97 -0.59
N GLU A 86 7.65 -3.95 -0.24
CA GLU A 86 6.44 -4.19 0.52
C GLU A 86 5.40 -4.91 -0.32
N ILE A 87 5.25 -4.50 -1.58
CA ILE A 87 4.34 -5.17 -2.51
C ILE A 87 4.77 -6.62 -2.73
N VAL A 88 6.05 -6.85 -2.96
CA VAL A 88 6.55 -8.23 -3.20
C VAL A 88 6.26 -9.07 -1.96
N THR A 89 6.46 -8.52 -0.76
CA THR A 89 6.21 -9.25 0.50
C THR A 89 4.72 -9.62 0.59
N ALA A 90 3.84 -8.66 0.32
CA ALA A 90 2.37 -8.87 0.37
C ALA A 90 1.96 -9.94 -0.64
N LEU A 91 2.43 -9.86 -1.88
CA LEU A 91 2.08 -10.84 -2.94
C LEU A 91 2.60 -12.22 -2.53
N SER A 92 3.84 -12.30 -2.05
CA SER A 92 4.50 -13.58 -1.66
C SER A 92 3.69 -14.33 -0.60
N CYS A 93 3.10 -13.61 0.37
CA CYS A 93 2.33 -14.18 1.50
C CYS A 93 0.85 -14.39 1.16
N GLY A 94 0.39 -13.99 -0.02
CA GLY A 94 -1.03 -14.12 -0.40
C GLY A 94 -1.89 -13.22 0.45
N LYS A 95 -1.39 -12.05 0.81
CA LYS A 95 -2.14 -11.09 1.65
C LYS A 95 -3.36 -10.54 0.90
N ASN A 96 -4.39 -10.15 1.64
CA ASN A 96 -5.50 -9.41 1.08
C ASN A 96 -5.00 -8.02 0.67
N ILE A 97 -4.92 -7.74 -0.64
CA ILE A 97 -4.38 -6.48 -1.13
C ILE A 97 -5.52 -5.59 -1.62
N VAL A 98 -5.56 -4.37 -1.10
CA VAL A 98 -6.60 -3.41 -1.39
C VAL A 98 -5.97 -2.14 -1.90
N PRO A 99 -5.87 -1.97 -3.21
CA PRO A 99 -5.35 -0.72 -3.76
C PRO A 99 -6.38 0.39 -3.66
N ILE A 100 -5.88 1.58 -3.36
CA ILE A 100 -6.68 2.80 -3.22
C ILE A 100 -6.16 3.76 -4.29
N ILE A 101 -7.04 4.13 -5.22
CA ILE A 101 -6.66 4.87 -6.41
C ILE A 101 -6.94 6.35 -6.16
N ASP A 102 -5.91 7.15 -6.24
CA ASP A 102 -6.00 8.57 -5.95
C ASP A 102 -5.16 9.29 -7.01
N GLY A 103 -5.67 9.32 -8.22
CA GLY A 103 -5.00 10.01 -9.30
C GLY A 103 -4.01 9.21 -10.09
N PHE A 104 -3.95 7.92 -9.86
CA PHE A 104 -2.98 7.06 -10.51
C PHE A 104 -3.27 6.86 -11.98
N GLU A 105 -2.21 6.88 -12.77
CA GLU A 105 -2.27 6.58 -14.19
C GLU A 105 -1.77 5.15 -14.32
N TRP A 106 -2.61 4.27 -14.78
CA TRP A 106 -2.26 2.86 -14.86
C TRP A 106 -1.20 2.58 -15.92
N PRO A 107 -0.04 2.04 -15.56
CA PRO A 107 0.97 1.73 -16.57
C PRO A 107 0.72 0.37 -17.20
N GLU A 108 1.43 0.11 -18.30
CA GLU A 108 1.45 -1.23 -18.85
C GLU A 108 2.26 -2.13 -17.89
N PRO A 109 1.78 -3.34 -17.60
CA PRO A 109 2.50 -4.19 -16.65
C PRO A 109 3.96 -4.38 -16.99
N GLN A 110 4.32 -4.38 -18.29
CA GLN A 110 5.68 -4.75 -18.64
C GLN A 110 6.70 -3.72 -18.20
N VAL A 111 6.28 -2.50 -17.84
CA VAL A 111 7.24 -1.50 -17.37
C VAL A 111 7.61 -1.69 -15.90
N LEU A 112 6.87 -2.56 -15.19
CA LEU A 112 7.09 -2.90 -13.79
C LEU A 112 7.86 -4.20 -13.64
N PRO A 113 8.57 -4.36 -12.52
CA PRO A 113 9.22 -5.65 -12.27
C PRO A 113 8.27 -6.82 -12.26
N GLU A 114 8.75 -7.95 -12.78
CA GLU A 114 7.88 -9.10 -12.91
C GLU A 114 7.33 -9.55 -11.55
N ASP A 115 8.11 -9.40 -10.47
CA ASP A 115 7.69 -9.90 -9.18
C ASP A 115 6.61 -9.05 -8.53
N MET A 116 6.19 -7.96 -9.18
CA MET A 116 5.07 -7.18 -8.65
C MET A 116 4.04 -6.84 -9.71
N GLN A 117 4.17 -7.30 -10.96
CA GLN A 117 3.13 -6.98 -11.94
C GLN A 117 1.73 -7.40 -11.47
N ALA A 118 1.65 -8.49 -10.69
CA ALA A 118 0.36 -9.01 -10.22
C ALA A 118 -0.41 -8.00 -9.38
N VAL A 119 0.26 -7.01 -8.80
CA VAL A 119 -0.47 -6.04 -7.99
C VAL A 119 -1.51 -5.32 -8.82
N LEU A 120 -1.26 -5.19 -10.14
CA LEU A 120 -2.19 -4.49 -11.02
C LEU A 120 -3.46 -5.28 -11.28
N THR A 121 -3.55 -6.52 -10.81
CA THR A 121 -4.72 -7.36 -11.01
C THR A 121 -5.67 -7.39 -9.82
N PHE A 122 -5.41 -6.60 -8.80
CA PHE A 122 -6.30 -6.49 -7.64
C PHE A 122 -7.25 -5.32 -7.83
N ASN A 123 -8.55 -5.59 -7.69
CA ASN A 123 -9.55 -4.56 -7.86
C ASN A 123 -9.34 -3.44 -6.85
N GLY A 124 -9.29 -2.22 -7.35
CA GLY A 124 -9.03 -1.07 -6.52
C GLY A 124 -10.29 -0.32 -6.17
N ILE A 125 -10.13 0.55 -5.19
CA ILE A 125 -11.16 1.48 -4.76
C ILE A 125 -10.74 2.90 -5.10
N LYS A 126 -11.61 3.63 -5.80
CA LYS A 126 -11.28 4.98 -6.16
C LYS A 126 -11.48 5.90 -4.96
N TRP A 127 -10.48 6.69 -4.64
CA TRP A 127 -10.66 7.63 -3.54
C TRP A 127 -11.56 8.80 -3.99
N SER A 128 -12.39 9.28 -3.08
CA SER A 128 -13.23 10.46 -3.35
C SER A 128 -13.19 11.35 -2.12
N HIS A 129 -12.69 12.56 -2.26
N HIS A 129 -12.71 12.57 -2.30
CA HIS A 129 -12.75 13.45 -1.10
CA HIS A 129 -12.70 13.56 -1.22
C HIS A 129 -14.19 13.87 -0.82
C HIS A 129 -14.12 14.01 -0.88
N GLU A 130 -15.00 13.99 -1.86
CA GLU A 130 -16.40 14.40 -1.67
C GLU A 130 -17.13 13.41 -0.79
N TYR A 131 -16.94 12.10 -1.01
CA TYR A 131 -17.62 11.11 -0.18
C TYR A 131 -16.60 10.32 0.63
N GLN A 132 -15.78 11.04 1.41
CA GLN A 132 -14.72 10.37 2.17
C GLN A 132 -15.28 9.24 3.01
N GLU A 133 -16.36 9.46 3.76
CA GLU A 133 -16.78 8.45 4.71
C GLU A 133 -17.34 7.20 4.04
N ALA A 134 -18.12 7.39 2.98
CA ALA A 134 -18.62 6.26 2.25
C ALA A 134 -17.48 5.45 1.66
N THR A 135 -16.42 6.14 1.23
CA THR A 135 -15.24 5.45 0.70
C THR A 135 -14.53 4.64 1.80
N ILE A 136 -14.38 5.21 3.00
CA ILE A 136 -13.86 4.43 4.11
C ILE A 136 -14.70 3.17 4.35
N GLU A 137 -16.02 3.28 4.24
CA GLU A 137 -16.86 2.10 4.51
C GLU A 137 -16.68 1.02 3.43
N LYS A 138 -16.48 1.45 2.19
CA LYS A 138 -16.17 0.52 1.12
C LYS A 138 -14.84 -0.17 1.33
N ILE A 139 -13.81 0.60 1.73
CA ILE A 139 -12.53 -0.02 2.07
C ILE A 139 -12.70 -1.07 3.17
N ILE A 140 -13.43 -0.75 4.25
CA ILE A 140 -13.65 -1.72 5.34
C ILE A 140 -14.35 -2.98 4.84
N ARG A 141 -15.28 -2.81 3.91
CA ARG A 141 -15.95 -3.98 3.33
C ARG A 141 -14.96 -4.91 2.61
N PHE A 142 -13.86 -4.37 2.09
CA PHE A 142 -12.84 -5.14 1.40
C PHE A 142 -11.77 -5.74 2.33
N LEU A 143 -11.74 -5.31 3.59
CA LEU A 143 -10.76 -5.80 4.54
C LEU A 143 -11.16 -7.17 5.09
N GLN A 144 -10.15 -7.97 5.43
CA GLN A 144 -10.33 -9.35 5.97
C GLN A 144 -9.57 -9.49 7.28
O1 MES B . 4.72 3.56 5.45
C2 MES B . 4.99 2.71 4.32
C3 MES B . 5.38 3.50 3.11
N4 MES B . 6.54 4.39 3.40
C5 MES B . 6.23 5.23 4.58
C6 MES B . 5.87 4.34 5.74
C7 MES B . 6.96 5.19 2.22
C8 MES B . 7.64 4.28 1.22
S MES B . 8.80 5.18 0.19
O1S MES B . 9.70 5.85 1.10
O2S MES B . 9.44 4.17 -0.62
O3S MES B . 7.99 6.12 -0.57
H21 MES B . 5.80 2.03 4.59
H22 MES B . 4.12 2.09 4.12
H31 MES B . 5.61 2.83 2.28
H32 MES B . 4.52 4.09 2.76
HN4 MES B . 7.33 3.80 3.65
H51 MES B . 7.09 5.86 4.81
H52 MES B . 5.43 5.93 4.35
H61 MES B . 6.70 3.69 6.00
H62 MES B . 5.68 4.95 6.62
H71 MES B . 7.64 5.98 2.54
H72 MES B . 6.11 5.68 1.77
H81 MES B . 8.18 3.46 1.70
H82 MES B . 6.93 3.78 0.57
#